data_4AXG
#
_entry.id   4AXG
#
_cell.length_a   142.580
_cell.length_b   142.580
_cell.length_c   108.050
_cell.angle_alpha   90.00
_cell.angle_beta   90.00
_cell.angle_gamma   120.00
#
_symmetry.space_group_name_H-M   'P 61 2 2'
#
loop_
_entity.id
_entity.type
_entity.pdbx_description
1 polymer 'EUKARYOTIC TRANSLATION INITIATION FACTOR 4E'
2 polymer 'PROTEIN CUP'
3 water water
#
loop_
_entity_poly.entity_id
_entity_poly.type
_entity_poly.pdbx_seq_one_letter_code
_entity_poly.pdbx_strand_id
1 'polypeptide(L)'
;MVVLETEKTSAPSTEQGRPEPPTSAAAPAEAKDVKPKEDPQETGEPAGNTATTTAPAGDDAVRTEHLYKHPLMNVWTLWY
LENDRSKSWEDMQNEITSFDTVEDFWSLYNHIKPPSEIKLGSDYSLFKKNIRPMWEDAANKQGGRWVITLNKSSKTDLDN
LWLDVLLCLIGEAFDHSDQICGAVINIRGKSNKISIWTADGNNEEAALEIGHKLRDALRLGRNNSLQYQLHKDTMVKQGS
NVKSIYTL
;
A,B
2 'polypeptide(L)'
;STGIHKPGSLRAPKAVRPTTAPVVSSKPVKSYTRSRLMDIRNGMFNALMHRSKESFVMPRIATCDDIELEGRLRRMNIWR
TSDGTRFRTRSTTANLNMNNNNNNECMPAFFKNKNKPNLISDESIIQSQP
;
C,D
#
# COMPACT_ATOMS: atom_id res chain seq x y z
N HIS A 66 -0.65 -35.61 -2.97
CA HIS A 66 -0.27 -34.22 -3.18
C HIS A 66 -0.33 -33.42 -1.88
N LEU A 67 -0.29 -34.13 -0.75
CA LEU A 67 -0.35 -33.50 0.56
C LEU A 67 0.92 -32.76 0.92
N TYR A 68 2.06 -33.38 0.63
CA TYR A 68 3.35 -32.86 1.08
C TYR A 68 3.95 -31.88 0.07
N LYS A 69 4.60 -30.85 0.60
CA LYS A 69 5.20 -29.81 -0.23
C LYS A 69 6.60 -29.46 0.26
N HIS A 70 7.46 -29.02 -0.65
CA HIS A 70 8.82 -28.65 -0.29
C HIS A 70 8.84 -27.27 0.33
N PRO A 71 9.21 -27.19 1.61
CA PRO A 71 9.21 -25.90 2.32
C PRO A 71 10.30 -24.96 1.82
N LEU A 72 10.00 -23.67 1.81
CA LEU A 72 10.99 -22.65 1.46
C LEU A 72 11.59 -22.08 2.72
N MET A 73 12.78 -21.50 2.62
CA MET A 73 13.42 -20.89 3.78
C MET A 73 12.67 -19.64 4.21
N ASN A 74 12.13 -18.92 3.24
CA ASN A 74 11.43 -17.67 3.51
C ASN A 74 10.01 -17.68 2.96
N VAL A 75 9.17 -16.81 3.51
CA VAL A 75 7.83 -16.59 2.99
C VAL A 75 7.91 -15.42 2.00
N TRP A 76 7.35 -15.60 0.82
CA TRP A 76 7.41 -14.55 -0.20
C TRP A 76 6.02 -14.05 -0.55
N THR A 77 5.97 -12.82 -1.07
CA THR A 77 4.73 -12.18 -1.45
C THR A 77 4.87 -11.64 -2.86
N LEU A 78 3.87 -11.89 -3.69
CA LEU A 78 3.83 -11.35 -5.03
C LEU A 78 2.98 -10.09 -5.10
N TRP A 79 3.49 -9.09 -5.81
CA TRP A 79 2.88 -7.78 -5.92
C TRP A 79 2.70 -7.42 -7.38
N TYR A 80 1.59 -6.76 -7.68
CA TYR A 80 1.34 -6.26 -9.03
C TYR A 80 1.12 -4.75 -8.99
N LEU A 81 1.87 -4.03 -9.83
CA LEU A 81 1.69 -2.60 -9.97
C LEU A 81 0.97 -2.28 -11.27
N GLU A 82 -0.26 -1.79 -11.14
CA GLU A 82 -1.10 -1.46 -12.29
C GLU A 82 -0.51 -0.34 -13.14
N ASN A 83 0.04 0.68 -12.48
CA ASN A 83 0.58 1.83 -13.17
C ASN A 83 1.78 2.43 -12.44
N ASP A 84 2.82 2.76 -13.19
CA ASP A 84 4.06 3.28 -12.63
C ASP A 84 3.96 4.76 -12.31
N ARG A 85 3.01 5.45 -12.92
CA ARG A 85 2.79 6.85 -12.61
C ARG A 85 1.42 7.10 -12.00
N SER A 86 1.43 7.68 -10.82
CA SER A 86 0.22 7.94 -10.09
C SER A 86 0.36 9.20 -9.24
N LYS A 87 -0.77 9.74 -8.82
CA LYS A 87 -0.77 10.89 -7.93
C LYS A 87 -0.36 10.46 -6.52
N SER A 88 0.12 11.43 -5.73
CA SER A 88 0.76 11.15 -4.45
C SER A 88 -0.11 10.39 -3.44
N TRP A 89 -1.42 10.34 -3.69
CA TRP A 89 -2.33 9.64 -2.79
C TRP A 89 -2.78 8.30 -3.35
N GLU A 90 -2.36 8.00 -4.57
CA GLU A 90 -2.81 6.77 -5.24
C GLU A 90 -1.91 5.58 -4.91
N ASP A 91 -2.56 4.46 -4.60
CA ASP A 91 -1.85 3.21 -4.31
C ASP A 91 -2.11 2.18 -5.41
N MET A 92 -1.23 2.15 -6.40
CA MET A 92 -1.40 1.27 -7.55
C MET A 92 -0.72 -0.08 -7.32
N GLN A 93 -0.26 -0.32 -6.10
CA GLN A 93 0.47 -1.53 -5.76
C GLN A 93 -0.47 -2.53 -5.07
N ASN A 94 -0.57 -3.74 -5.63
CA ASN A 94 -1.51 -4.73 -5.12
C ASN A 94 -0.85 -6.01 -4.62
N GLU A 95 -1.15 -6.40 -3.39
CA GLU A 95 -0.71 -7.68 -2.87
C GLU A 95 -1.50 -8.73 -3.59
N ILE A 96 -0.86 -9.78 -4.09
CA ILE A 96 -1.63 -10.81 -4.73
C ILE A 96 -1.77 -12.03 -3.84
N THR A 97 -0.64 -12.55 -3.40
CA THR A 97 -0.65 -13.69 -2.51
C THR A 97 0.70 -13.91 -1.87
N SER A 98 0.73 -14.73 -0.85
CA SER A 98 1.98 -15.14 -0.23
C SER A 98 2.13 -16.66 -0.30
N PHE A 99 3.37 -17.15 -0.32
CA PHE A 99 3.61 -18.59 -0.43
C PHE A 99 4.78 -19.10 0.42
N ASP A 100 4.64 -20.32 0.94
CA ASP A 100 5.70 -20.92 1.75
C ASP A 100 6.34 -22.18 1.16
N THR A 101 5.91 -22.61 -0.03
CA THR A 101 6.39 -23.86 -0.61
C THR A 101 6.66 -23.78 -2.11
N VAL A 102 7.52 -24.67 -2.61
CA VAL A 102 7.81 -24.69 -4.05
C VAL A 102 6.55 -24.91 -4.87
N GLU A 103 5.75 -25.87 -4.43
CA GLU A 103 4.51 -26.22 -5.11
C GLU A 103 3.53 -25.06 -5.15
N ASP A 104 3.42 -24.31 -4.07
CA ASP A 104 2.54 -23.15 -4.02
C ASP A 104 3.03 -22.05 -4.96
N PHE A 105 4.33 -21.87 -5.04
CA PHE A 105 4.85 -20.90 -5.99
C PHE A 105 4.55 -21.31 -7.41
N TRP A 106 4.74 -22.56 -7.74
CA TRP A 106 4.49 -23.02 -9.09
C TRP A 106 3.02 -22.89 -9.42
N SER A 107 2.17 -23.16 -8.43
CA SER A 107 0.75 -23.04 -8.63
C SER A 107 0.37 -21.62 -8.93
N LEU A 108 0.97 -20.68 -8.19
CA LEU A 108 0.72 -19.28 -8.44
C LEU A 108 1.21 -18.87 -9.81
N TYR A 109 2.39 -19.33 -10.16
CA TYR A 109 3.05 -18.95 -11.39
C TYR A 109 2.27 -19.39 -12.61
N ASN A 110 1.72 -20.58 -12.54
CA ASN A 110 1.02 -21.17 -13.67
C ASN A 110 -0.33 -20.51 -13.96
N HIS A 111 -0.79 -19.69 -13.03
CA HIS A 111 -2.11 -19.07 -13.17
C HIS A 111 -2.06 -17.56 -13.41
N ILE A 112 -0.86 -17.00 -13.43
CA ILE A 112 -0.72 -15.58 -13.74
C ILE A 112 -0.01 -15.38 -15.08
N LYS A 113 -0.20 -14.20 -15.67
CA LYS A 113 0.37 -13.89 -16.96
C LYS A 113 1.86 -13.63 -16.86
N PRO A 114 2.63 -14.13 -17.83
CA PRO A 114 4.08 -13.84 -17.88
C PRO A 114 4.26 -12.36 -18.13
N PRO A 115 5.40 -11.79 -17.71
CA PRO A 115 5.64 -10.35 -17.89
C PRO A 115 5.58 -9.89 -19.35
N SER A 116 5.68 -10.83 -20.29
CA SER A 116 5.59 -10.49 -21.70
C SER A 116 4.13 -10.27 -22.14
N GLU A 117 3.19 -10.53 -21.24
CA GLU A 117 1.77 -10.42 -21.59
C GLU A 117 1.00 -9.42 -20.73
N ILE A 118 1.68 -8.79 -19.77
CA ILE A 118 1.01 -7.80 -18.94
C ILE A 118 1.09 -6.39 -19.56
N LYS A 119 0.23 -5.51 -19.09
CA LYS A 119 0.10 -4.16 -19.66
C LYS A 119 1.39 -3.36 -19.55
N LEU A 120 1.62 -2.47 -20.52
CA LEU A 120 2.77 -1.58 -20.46
C LEU A 120 2.58 -0.60 -19.31
N GLY A 121 3.61 -0.43 -18.50
CA GLY A 121 3.53 0.41 -17.33
C GLY A 121 3.15 -0.38 -16.09
N SER A 122 3.21 -1.71 -16.21
CA SER A 122 2.93 -2.60 -15.08
C SER A 122 4.22 -3.09 -14.47
N ASP A 123 4.15 -3.51 -13.20
CA ASP A 123 5.30 -4.13 -12.54
C ASP A 123 4.93 -5.45 -11.88
N TYR A 124 5.87 -6.39 -11.89
CA TYR A 124 5.74 -7.58 -11.03
C TYR A 124 6.80 -7.45 -9.94
N SER A 125 6.46 -7.85 -8.71
CA SER A 125 7.44 -7.75 -7.62
C SER A 125 7.34 -8.90 -6.64
N LEU A 126 8.43 -9.62 -6.42
CA LEU A 126 8.43 -10.65 -5.40
C LEU A 126 9.30 -10.20 -4.23
N PHE A 127 8.68 -9.98 -3.08
CA PHE A 127 9.44 -9.54 -1.91
C PHE A 127 9.19 -10.45 -0.73
N LYS A 128 10.15 -10.53 0.19
CA LYS A 128 9.95 -11.30 1.40
C LYS A 128 8.79 -10.72 2.19
N LYS A 129 8.08 -11.56 2.94
CA LYS A 129 6.94 -11.15 3.74
C LYS A 129 7.30 -9.96 4.63
N ASN A 130 6.35 -9.04 4.79
CA ASN A 130 6.52 -7.84 5.61
C ASN A 130 7.57 -6.85 5.10
N ILE A 131 7.93 -6.98 3.82
CA ILE A 131 8.72 -5.97 3.13
C ILE A 131 7.94 -5.53 1.91
N ARG A 132 7.65 -4.22 1.85
CA ARG A 132 6.93 -3.63 0.73
C ARG A 132 7.85 -3.43 -0.47
N PRO A 133 7.27 -3.33 -1.66
CA PRO A 133 8.07 -3.03 -2.84
C PRO A 133 8.26 -1.52 -2.94
N MET A 134 8.96 -0.97 -1.95
CA MET A 134 9.27 0.45 -1.88
C MET A 134 10.63 0.61 -1.21
N TRP A 135 11.29 1.74 -1.47
CA TRP A 135 12.60 1.95 -0.87
C TRP A 135 12.50 2.71 0.45
N GLU A 136 11.34 3.32 0.69
CA GLU A 136 11.10 4.05 1.93
C GLU A 136 10.97 3.07 3.09
N ASP A 137 10.68 1.82 2.77
CA ASP A 137 10.57 0.75 3.77
C ASP A 137 11.89 0.61 4.53
N ALA A 138 11.79 0.18 5.78
CA ALA A 138 12.96 0.02 6.64
C ALA A 138 13.99 -0.96 6.08
N ALA A 139 13.51 -2.00 5.41
CA ALA A 139 14.38 -3.02 4.85
C ALA A 139 15.13 -2.53 3.60
N ASN A 140 14.59 -1.51 2.95
CA ASN A 140 15.14 -1.04 1.69
C ASN A 140 15.82 0.34 1.77
N LYS A 141 15.55 1.06 2.85
CA LYS A 141 15.99 2.45 2.99
C LYS A 141 17.49 2.66 2.79
N GLN A 142 18.30 1.82 3.41
CA GLN A 142 19.74 1.93 3.34
C GLN A 142 20.34 1.01 2.28
N GLY A 143 19.46 0.41 1.48
CA GLY A 143 19.90 -0.59 0.52
C GLY A 143 20.05 -0.11 -0.90
N GLY A 144 19.95 -1.04 -1.84
CA GLY A 144 20.15 -0.71 -3.24
C GLY A 144 19.59 -1.79 -4.15
N ARG A 145 19.99 -1.77 -5.42
CA ARG A 145 19.49 -2.75 -6.36
C ARG A 145 20.46 -3.06 -7.50
N TRP A 146 20.51 -4.33 -7.89
CA TRP A 146 21.20 -4.73 -9.11
C TRP A 146 20.22 -4.61 -10.27
N VAL A 147 20.55 -3.74 -11.22
CA VAL A 147 19.67 -3.43 -12.34
C VAL A 147 20.17 -4.07 -13.62
N ILE A 148 19.25 -4.69 -14.33
CA ILE A 148 19.49 -5.25 -15.66
C ILE A 148 18.52 -4.59 -16.63
N THR A 149 19.09 -3.92 -17.64
CA THR A 149 18.28 -3.27 -18.67
C THR A 149 18.15 -4.18 -19.88
N LEU A 150 16.93 -4.35 -20.35
CA LEU A 150 16.66 -5.28 -21.45
C LEU A 150 16.11 -4.58 -22.68
N ASN A 151 17.00 -3.98 -23.46
CA ASN A 151 16.63 -3.36 -24.72
C ASN A 151 16.49 -4.38 -25.84
N LYS A 152 15.40 -4.28 -26.59
CA LYS A 152 15.15 -5.14 -27.74
C LYS A 152 15.24 -6.64 -27.42
N SER A 153 14.85 -6.99 -26.19
CA SER A 153 14.86 -8.39 -25.79
C SER A 153 13.54 -9.05 -26.20
N SER A 154 13.62 -10.31 -26.62
CA SER A 154 12.42 -11.04 -27.03
C SER A 154 11.53 -11.34 -25.82
N LYS A 155 10.36 -11.90 -26.06
CA LYS A 155 9.39 -12.16 -25.00
C LYS A 155 9.73 -13.42 -24.20
N THR A 156 10.08 -14.49 -24.91
CA THR A 156 10.47 -15.73 -24.25
C THR A 156 11.73 -15.54 -23.39
N ASP A 157 12.70 -14.80 -23.91
CA ASP A 157 13.89 -14.47 -23.13
C ASP A 157 13.56 -13.65 -21.89
N LEU A 158 12.62 -12.71 -22.05
CA LEU A 158 12.17 -11.87 -20.94
C LEU A 158 11.56 -12.71 -19.83
N ASP A 159 10.55 -13.50 -20.20
CA ASP A 159 9.87 -14.39 -19.27
C ASP A 159 10.85 -15.32 -18.56
N ASN A 160 11.77 -15.89 -19.34
CA ASN A 160 12.76 -16.80 -18.78
C ASN A 160 13.72 -16.13 -17.79
N LEU A 161 14.16 -14.92 -18.11
CA LEU A 161 15.02 -14.18 -17.20
C LEU A 161 14.29 -13.89 -15.89
N TRP A 162 13.06 -13.38 -16.00
CA TRP A 162 12.27 -13.08 -14.81
C TRP A 162 12.06 -14.33 -13.94
N LEU A 163 11.66 -15.42 -14.57
CA LEU A 163 11.45 -16.68 -13.86
C LEU A 163 12.73 -17.19 -13.18
N ASP A 164 13.85 -17.12 -13.90
CA ASP A 164 15.12 -17.55 -13.33
C ASP A 164 15.51 -16.70 -12.13
N VAL A 165 15.18 -15.42 -12.19
CA VAL A 165 15.38 -14.54 -11.05
C VAL A 165 14.55 -15.00 -9.85
N LEU A 166 13.26 -15.22 -10.08
CA LEU A 166 12.38 -15.72 -9.02
C LEU A 166 12.95 -17.01 -8.40
N LEU A 167 13.46 -17.89 -9.25
CA LEU A 167 14.03 -19.15 -8.78
C LEU A 167 15.29 -18.92 -7.96
N CYS A 168 16.09 -17.91 -8.33
CA CYS A 168 17.23 -17.52 -7.52
C CYS A 168 16.75 -17.10 -6.13
N LEU A 169 15.70 -16.28 -6.09
CA LEU A 169 15.20 -15.79 -4.81
C LEU A 169 14.69 -16.91 -3.92
N ILE A 170 13.63 -17.59 -4.37
CA ILE A 170 12.96 -18.58 -3.53
C ILE A 170 13.84 -19.79 -3.25
N GLY A 171 14.78 -20.06 -4.15
CA GLY A 171 15.69 -21.18 -4.00
C GLY A 171 16.90 -20.87 -3.14
N GLU A 172 16.99 -19.61 -2.70
CA GLU A 172 18.10 -19.15 -1.86
C GLU A 172 19.45 -19.40 -2.52
N ALA A 173 19.64 -18.84 -3.71
CA ALA A 173 20.85 -19.10 -4.49
C ALA A 173 22.04 -18.27 -4.03
N PHE A 174 21.82 -17.32 -3.14
CA PHE A 174 22.87 -16.43 -2.69
C PHE A 174 23.34 -16.78 -1.28
N ASP A 175 24.63 -16.62 -1.03
CA ASP A 175 25.19 -16.93 0.27
C ASP A 175 24.73 -15.91 1.29
N HIS A 176 24.69 -14.65 0.88
CA HIS A 176 24.14 -13.59 1.71
C HIS A 176 22.64 -13.51 1.47
N SER A 177 21.92 -14.52 1.92
CA SER A 177 20.48 -14.61 1.71
C SER A 177 19.73 -13.54 2.49
N ASP A 178 20.17 -13.27 3.71
CA ASP A 178 19.53 -12.26 4.56
C ASP A 178 19.82 -10.84 4.10
N GLN A 179 20.47 -10.71 2.95
CA GLN A 179 20.70 -9.40 2.35
C GLN A 179 19.73 -9.17 1.19
N ILE A 180 19.06 -10.23 0.77
CA ILE A 180 18.09 -10.16 -0.32
C ILE A 180 16.75 -9.67 0.21
N CYS A 181 16.21 -8.62 -0.42
CA CYS A 181 14.91 -8.12 -0.03
C CYS A 181 13.84 -8.64 -0.98
N GLY A 182 14.07 -8.46 -2.27
CA GLY A 182 13.13 -8.93 -3.27
C GLY A 182 13.63 -8.62 -4.67
N ALA A 183 12.73 -8.69 -5.64
CA ALA A 183 13.06 -8.36 -7.02
C ALA A 183 11.84 -7.78 -7.71
N VAL A 184 12.08 -6.95 -8.73
CA VAL A 184 10.98 -6.34 -9.47
C VAL A 184 11.27 -6.25 -10.95
N ILE A 185 10.27 -6.54 -11.77
CA ILE A 185 10.36 -6.32 -13.20
C ILE A 185 9.40 -5.21 -13.68
N ASN A 186 10.00 -4.24 -14.36
CA ASN A 186 9.30 -3.13 -14.98
C ASN A 186 9.09 -3.40 -16.47
N ILE A 187 7.84 -3.48 -16.89
CA ILE A 187 7.50 -3.61 -18.30
C ILE A 187 7.09 -2.24 -18.86
N ARG A 188 7.89 -1.73 -19.78
CA ARG A 188 7.64 -0.44 -20.38
C ARG A 188 7.61 -0.55 -21.90
N GLY A 189 7.56 -1.78 -22.38
CA GLY A 189 7.50 -2.06 -23.81
C GLY A 189 8.82 -1.82 -24.51
N LYS A 190 9.20 -0.55 -24.66
CA LYS A 190 10.45 -0.18 -25.30
C LYS A 190 11.65 -0.83 -24.62
N SER A 191 11.93 -0.41 -23.39
CA SER A 191 13.01 -0.98 -22.62
C SER A 191 12.52 -1.43 -21.25
N ASN A 192 12.51 -2.74 -21.03
CA ASN A 192 12.09 -3.30 -19.76
C ASN A 192 13.28 -3.46 -18.82
N LYS A 193 13.01 -3.68 -17.54
CA LYS A 193 14.09 -3.83 -16.57
C LYS A 193 13.81 -4.88 -15.51
N ILE A 194 14.87 -5.53 -15.04
CA ILE A 194 14.76 -6.46 -13.93
C ILE A 194 15.77 -6.10 -12.84
N SER A 195 15.28 -5.92 -11.62
CA SER A 195 16.15 -5.48 -10.52
C SER A 195 16.06 -6.37 -9.30
N ILE A 196 17.20 -6.55 -8.63
CA ILE A 196 17.27 -7.32 -7.40
C ILE A 196 17.62 -6.38 -6.25
N TRP A 197 16.72 -6.24 -5.29
CA TRP A 197 16.91 -5.31 -4.18
C TRP A 197 17.64 -5.93 -2.99
N THR A 198 18.67 -5.24 -2.50
CA THR A 198 19.39 -5.68 -1.32
C THR A 198 19.31 -4.66 -0.19
N ALA A 199 19.56 -5.13 1.02
CA ALA A 199 19.27 -4.37 2.24
C ALA A 199 20.26 -3.26 2.58
N ASP A 200 21.54 -3.45 2.23
CA ASP A 200 22.56 -2.48 2.61
C ASP A 200 23.58 -2.23 1.49
N GLY A 201 23.55 -1.02 0.94
CA GLY A 201 24.45 -0.64 -0.12
C GLY A 201 25.91 -0.58 0.29
N ASN A 202 26.16 -0.42 1.59
CA ASN A 202 27.52 -0.35 2.09
C ASN A 202 28.14 -1.73 2.33
N ASN A 203 27.31 -2.77 2.25
CA ASN A 203 27.79 -4.14 2.39
C ASN A 203 28.39 -4.62 1.06
N GLU A 204 29.64 -4.27 0.82
CA GLU A 204 30.29 -4.53 -0.46
C GLU A 204 30.39 -6.01 -0.79
N GLU A 205 30.79 -6.80 0.19
CA GLU A 205 30.95 -8.25 0.00
C GLU A 205 29.66 -8.91 -0.47
N ALA A 206 28.57 -8.63 0.25
CA ALA A 206 27.26 -9.18 -0.08
C ALA A 206 26.80 -8.76 -1.47
N ALA A 207 26.88 -7.46 -1.76
CA ALA A 207 26.45 -6.91 -3.03
C ALA A 207 27.21 -7.56 -4.19
N LEU A 208 28.53 -7.61 -4.07
CA LEU A 208 29.36 -8.20 -5.12
C LEU A 208 29.06 -9.68 -5.33
N GLU A 209 28.96 -10.42 -4.23
CA GLU A 209 28.63 -11.86 -4.30
C GLU A 209 27.31 -12.08 -5.06
N ILE A 210 26.28 -11.36 -4.63
CA ILE A 210 24.96 -11.45 -5.25
C ILE A 210 25.02 -11.10 -6.74
N GLY A 211 25.76 -10.05 -7.07
CA GLY A 211 25.92 -9.63 -8.46
C GLY A 211 26.56 -10.69 -9.32
N HIS A 212 27.63 -11.30 -8.82
CA HIS A 212 28.30 -12.37 -9.54
C HIS A 212 27.38 -13.57 -9.75
N LYS A 213 26.69 -13.97 -8.70
CA LYS A 213 25.73 -15.09 -8.80
C LYS A 213 24.68 -14.79 -9.87
N LEU A 214 24.16 -13.56 -9.88
CA LEU A 214 23.17 -13.15 -10.86
C LEU A 214 23.73 -13.27 -12.27
N ARG A 215 24.93 -12.74 -12.45
CA ARG A 215 25.62 -12.78 -13.73
C ARG A 215 25.72 -14.20 -14.26
N ASP A 216 26.13 -15.14 -13.41
CA ASP A 216 26.22 -16.54 -13.84
C ASP A 216 24.85 -17.20 -14.09
N ALA A 217 23.90 -16.94 -13.20
CA ALA A 217 22.61 -17.60 -13.23
C ALA A 217 21.77 -17.20 -14.43
N LEU A 218 22.11 -16.07 -15.04
CA LEU A 218 21.35 -15.56 -16.17
C LEU A 218 22.18 -15.57 -17.45
N ARG A 219 23.43 -16.01 -17.31
CA ARG A 219 24.36 -16.11 -18.43
C ARG A 219 24.46 -14.80 -19.19
N LEU A 220 24.76 -13.72 -18.47
CA LEU A 220 24.87 -12.39 -19.07
C LEU A 220 26.25 -12.15 -19.65
N GLY A 221 26.28 -11.45 -20.78
CA GLY A 221 27.54 -11.04 -21.39
C GLY A 221 27.72 -9.54 -21.27
N ARG A 222 28.63 -8.98 -22.05
CA ARG A 222 28.87 -7.55 -22.00
C ARG A 222 27.62 -6.80 -22.42
N ASN A 223 26.92 -7.34 -23.41
CA ASN A 223 25.77 -6.67 -24.01
C ASN A 223 24.80 -6.17 -22.93
N ASN A 224 24.54 -7.01 -21.94
CA ASN A 224 23.71 -6.63 -20.81
C ASN A 224 24.54 -6.49 -19.54
N SER A 225 24.76 -5.26 -19.10
CA SER A 225 25.58 -5.01 -17.93
C SER A 225 24.74 -4.91 -16.66
N LEU A 226 25.31 -5.34 -15.54
CA LEU A 226 24.68 -5.22 -14.24
C LEU A 226 25.08 -3.90 -13.60
N GLN A 227 24.10 -3.19 -13.05
CA GLN A 227 24.41 -1.91 -12.41
C GLN A 227 23.90 -1.87 -10.97
N TYR A 228 24.79 -1.73 -10.01
CA TYR A 228 24.32 -1.59 -8.63
C TYR A 228 24.09 -0.13 -8.23
N GLN A 229 22.82 0.21 -8.02
CA GLN A 229 22.43 1.59 -7.71
C GLN A 229 21.81 1.69 -6.33
N LEU A 230 22.27 2.67 -5.55
CA LEU A 230 21.64 2.97 -4.26
C LEU A 230 20.27 3.58 -4.54
N HIS A 231 19.30 3.27 -3.70
CA HIS A 231 17.95 3.81 -3.87
C HIS A 231 17.92 5.32 -3.69
N LYS A 232 18.80 5.83 -2.82
CA LYS A 232 18.89 7.27 -2.57
C LYS A 232 19.37 8.02 -3.81
N ASP A 233 20.25 7.39 -4.57
CA ASP A 233 20.83 8.00 -5.76
C ASP A 233 19.92 7.87 -6.98
N THR A 234 18.85 7.10 -6.83
CA THR A 234 17.95 6.83 -7.94
C THR A 234 16.90 7.92 -8.12
N MET A 235 16.94 8.94 -7.29
CA MET A 235 15.95 10.00 -7.39
C MET A 235 16.28 11.05 -8.44
N VAL A 236 16.10 10.67 -9.71
CA VAL A 236 16.23 11.61 -10.82
C VAL A 236 15.01 11.55 -11.74
N LYS A 237 14.45 12.70 -12.08
CA LYS A 237 13.32 12.76 -13.00
C LYS A 237 13.72 12.27 -14.39
N GLN A 238 14.90 12.69 -14.82
CA GLN A 238 15.43 12.30 -16.13
C GLN A 238 16.93 12.60 -16.23
N ASN A 241 20.67 9.93 -16.18
CA ASN A 241 21.26 8.68 -15.75
C ASN A 241 21.55 8.69 -14.25
N VAL A 242 21.80 7.51 -13.69
CA VAL A 242 22.00 7.35 -12.25
C VAL A 242 23.39 6.78 -11.96
N LYS A 243 24.03 7.29 -10.91
CA LYS A 243 25.34 6.80 -10.50
C LYS A 243 25.30 5.34 -10.08
N SER A 244 26.33 4.58 -10.46
CA SER A 244 26.41 3.17 -10.10
C SER A 244 27.57 2.90 -9.16
N ILE A 245 27.26 2.32 -8.01
CA ILE A 245 28.29 1.99 -7.02
C ILE A 245 29.20 0.86 -7.54
N TYR A 246 28.57 -0.19 -8.07
CA TYR A 246 29.33 -1.30 -8.65
C TYR A 246 28.82 -1.61 -10.05
N THR A 247 29.71 -2.15 -10.88
CA THR A 247 29.36 -2.52 -12.25
C THR A 247 29.91 -3.89 -12.63
N LEU A 248 29.06 -4.73 -13.22
CA LEU A 248 29.47 -6.03 -13.71
C LEU A 248 28.96 -6.28 -15.13
N LYS B 69 -26.54 -2.54 -6.36
CA LYS B 69 -25.68 -1.79 -5.45
C LYS B 69 -26.45 -1.31 -4.22
N HIS B 70 -25.72 -0.92 -3.18
CA HIS B 70 -26.32 -0.45 -1.93
C HIS B 70 -26.21 1.07 -1.77
N PRO B 71 -27.35 1.76 -1.88
CA PRO B 71 -27.40 3.23 -1.82
C PRO B 71 -27.02 3.79 -0.45
N LEU B 72 -26.59 5.05 -0.43
CA LEU B 72 -26.31 5.75 0.82
C LEU B 72 -27.33 6.86 1.03
N MET B 73 -27.41 7.37 2.26
CA MET B 73 -28.35 8.45 2.57
C MET B 73 -27.93 9.75 1.90
N ASN B 74 -26.63 10.07 1.96
CA ASN B 74 -26.11 11.29 1.37
C ASN B 74 -25.05 11.04 0.30
N VAL B 75 -24.74 12.08 -0.46
CA VAL B 75 -23.68 12.02 -1.46
C VAL B 75 -22.40 12.60 -0.87
N TRP B 76 -21.37 11.77 -0.77
CA TRP B 76 -20.12 12.21 -0.18
C TRP B 76 -19.04 12.41 -1.25
N THR B 77 -18.00 13.15 -0.89
CA THR B 77 -16.89 13.42 -1.78
C THR B 77 -15.57 13.52 -1.00
N LEU B 78 -14.50 13.02 -1.60
CA LEU B 78 -13.21 12.91 -0.93
C LEU B 78 -12.15 13.87 -1.46
N TRP B 79 -11.43 14.49 -0.54
CA TRP B 79 -10.44 15.52 -0.83
C TRP B 79 -9.07 15.12 -0.30
N TYR B 80 -8.03 15.53 -1.02
CA TYR B 80 -6.66 15.34 -0.57
C TYR B 80 -5.93 16.68 -0.63
N LEU B 81 -5.31 17.08 0.49
CA LEU B 81 -4.52 18.30 0.52
C LEU B 81 -3.05 17.94 0.66
N GLU B 82 -2.19 18.61 -0.11
CA GLU B 82 -0.76 18.33 -0.07
C GLU B 82 0.04 19.53 0.44
N ASN B 83 1.22 19.25 0.99
CA ASN B 83 2.08 20.30 1.51
C ASN B 83 2.59 21.20 0.40
N MET B 92 -3.44 23.32 -4.14
CA MET B 92 -2.96 22.51 -3.03
C MET B 92 -4.03 21.58 -2.49
N GLN B 93 -5.26 21.79 -2.92
CA GLN B 93 -6.41 21.01 -2.47
C GLN B 93 -7.12 20.39 -3.65
N ASN B 94 -7.10 19.07 -3.72
CA ASN B 94 -7.63 18.32 -4.84
C ASN B 94 -8.82 17.44 -4.50
N GLU B 95 -9.85 17.51 -5.32
CA GLU B 95 -11.01 16.65 -5.14
C GLU B 95 -10.83 15.36 -5.91
N ILE B 96 -11.11 14.24 -5.26
CA ILE B 96 -10.84 12.96 -5.88
C ILE B 96 -12.04 12.33 -6.57
N THR B 97 -13.16 12.23 -5.86
CA THR B 97 -14.33 11.60 -6.44
C THR B 97 -15.54 11.86 -5.58
N SER B 98 -16.72 11.59 -6.11
CA SER B 98 -17.92 11.65 -5.30
C SER B 98 -18.69 10.34 -5.49
N PHE B 99 -19.17 9.78 -4.38
CA PHE B 99 -19.84 8.48 -4.44
C PHE B 99 -21.22 8.49 -3.77
N ASP B 100 -22.14 7.73 -4.34
CA ASP B 100 -23.52 7.69 -3.86
C ASP B 100 -23.87 6.35 -3.21
N THR B 101 -22.98 5.36 -3.36
CA THR B 101 -23.24 4.03 -2.83
C THR B 101 -22.05 3.48 -2.04
N VAL B 102 -22.26 2.38 -1.34
CA VAL B 102 -21.22 1.74 -0.52
C VAL B 102 -20.11 1.16 -1.40
N GLU B 103 -20.52 0.40 -2.42
CA GLU B 103 -19.59 -0.24 -3.33
C GLU B 103 -18.67 0.78 -3.98
N ASP B 104 -19.23 1.93 -4.35
CA ASP B 104 -18.44 3.03 -4.88
C ASP B 104 -17.41 3.50 -3.88
N PHE B 105 -17.83 3.66 -2.62
CA PHE B 105 -16.90 4.05 -1.56
C PHE B 105 -15.74 3.09 -1.44
N TRP B 106 -16.02 1.79 -1.31
CA TRP B 106 -14.96 0.81 -1.15
C TRP B 106 -14.04 0.76 -2.37
N SER B 107 -14.65 0.93 -3.55
CA SER B 107 -13.88 1.02 -4.79
C SER B 107 -12.89 2.17 -4.72
N LEU B 108 -13.34 3.30 -4.21
CA LEU B 108 -12.46 4.45 -4.04
C LEU B 108 -11.38 4.18 -2.99
N TYR B 109 -11.76 3.55 -1.89
CA TYR B 109 -10.88 3.36 -0.75
C TYR B 109 -9.74 2.40 -1.05
N ASN B 110 -10.03 1.35 -1.82
CA ASN B 110 -8.99 0.39 -2.17
C ASN B 110 -7.93 0.97 -3.11
N HIS B 111 -8.32 2.02 -3.83
CA HIS B 111 -7.47 2.64 -4.83
C HIS B 111 -6.45 3.60 -4.20
N ILE B 112 -6.74 4.06 -3.00
CA ILE B 112 -5.95 5.15 -2.40
C ILE B 112 -5.17 4.74 -1.17
N LYS B 113 -4.18 5.56 -0.82
CA LYS B 113 -3.31 5.31 0.32
C LYS B 113 -4.02 5.55 1.65
N PRO B 114 -3.62 4.78 2.68
CA PRO B 114 -4.02 5.07 4.06
C PRO B 114 -3.27 6.30 4.57
N PRO B 115 -3.80 6.98 5.60
CA PRO B 115 -3.19 8.21 6.11
C PRO B 115 -1.76 7.99 6.63
N SER B 116 -1.47 6.78 7.08
CA SER B 116 -0.17 6.46 7.62
C SER B 116 0.92 6.41 6.55
N GLU B 117 0.53 6.59 5.29
CA GLU B 117 1.46 6.50 4.18
C GLU B 117 1.52 7.76 3.33
N ILE B 118 0.54 8.64 3.48
CA ILE B 118 0.55 9.88 2.73
C ILE B 118 1.63 10.80 3.28
N LYS B 119 2.12 11.71 2.44
CA LYS B 119 3.21 12.59 2.79
C LYS B 119 2.90 13.45 4.01
N LEU B 120 3.95 13.96 4.65
CA LEU B 120 3.80 14.83 5.80
C LEU B 120 3.08 16.12 5.41
N GLY B 121 2.27 16.65 6.32
CA GLY B 121 1.56 17.89 6.07
C GLY B 121 0.40 17.72 5.09
N SER B 122 -0.04 16.48 4.92
CA SER B 122 -1.14 16.19 4.00
C SER B 122 -2.45 15.97 4.75
N ASP B 123 -3.57 16.11 4.03
CA ASP B 123 -4.89 15.97 4.64
C ASP B 123 -5.81 15.08 3.81
N TYR B 124 -6.66 14.30 4.50
CA TYR B 124 -7.76 13.62 3.83
C TYR B 124 -9.06 14.23 4.36
N SER B 125 -10.01 14.51 3.47
CA SER B 125 -11.27 15.11 3.88
C SER B 125 -12.48 14.44 3.25
N LEU B 126 -13.37 13.89 4.08
CA LEU B 126 -14.62 13.36 3.55
C LEU B 126 -15.75 14.32 3.86
N PHE B 127 -16.39 14.85 2.82
CA PHE B 127 -17.41 15.86 3.02
C PHE B 127 -18.67 15.59 2.21
N LYS B 128 -19.78 16.12 2.71
CA LYS B 128 -21.04 16.03 2.01
C LYS B 128 -20.90 16.85 0.74
N LYS B 129 -21.59 16.44 -0.31
CA LYS B 129 -21.43 17.08 -1.60
C LYS B 129 -21.83 18.54 -1.54
N ASN B 130 -21.10 19.39 -2.25
CA ASN B 130 -21.34 20.83 -2.20
C ASN B 130 -20.99 21.50 -0.87
N ILE B 131 -20.18 20.82 -0.06
CA ILE B 131 -19.56 21.42 1.11
C ILE B 131 -18.06 21.25 0.99
N ARG B 132 -17.36 22.38 0.99
CA ARG B 132 -15.90 22.40 0.94
C ARG B 132 -15.31 22.03 2.29
N PRO B 133 -14.08 21.52 2.29
CA PRO B 133 -13.40 21.25 3.55
C PRO B 133 -12.74 22.54 4.04
N MET B 134 -13.58 23.52 4.36
CA MET B 134 -13.13 24.81 4.85
C MET B 134 -14.11 25.35 5.89
N TRP B 135 -13.64 26.24 6.75
CA TRP B 135 -14.50 26.81 7.79
C TRP B 135 -15.31 28.00 7.26
N GLU B 136 -14.83 28.60 6.18
CA GLU B 136 -15.46 29.78 5.60
C GLU B 136 -16.81 29.45 4.97
N ASP B 137 -16.96 28.20 4.53
CA ASP B 137 -18.17 27.74 3.83
C ASP B 137 -19.41 27.96 4.69
N ALA B 138 -20.53 28.24 4.03
CA ALA B 138 -21.78 28.58 4.70
C ALA B 138 -22.25 27.55 5.72
N ALA B 139 -21.99 26.27 5.43
CA ALA B 139 -22.38 25.19 6.33
C ALA B 139 -21.37 25.01 7.45
N ASN B 140 -20.19 25.60 7.29
CA ASN B 140 -19.14 25.49 8.29
C ASN B 140 -18.85 26.81 9.00
N LYS B 141 -19.49 27.88 8.54
CA LYS B 141 -19.28 29.22 9.09
C LYS B 141 -19.59 29.25 10.59
N GLN B 142 -20.75 28.75 10.97
CA GLN B 142 -21.15 28.73 12.37
C GLN B 142 -20.78 27.40 13.00
N GLY B 143 -20.00 26.61 12.28
CA GLY B 143 -19.75 25.24 12.65
C GLY B 143 -18.65 25.05 13.68
N GLY B 144 -18.41 23.80 14.04
CA GLY B 144 -17.36 23.44 14.97
C GLY B 144 -16.81 22.06 14.66
N ARG B 145 -15.81 21.63 15.40
CA ARG B 145 -15.18 20.34 15.14
C ARG B 145 -14.86 19.55 16.42
N TRP B 146 -15.15 18.26 16.37
CA TRP B 146 -14.72 17.32 17.40
C TRP B 146 -13.30 16.85 17.07
N VAL B 147 -12.34 17.38 17.81
CA VAL B 147 -10.94 17.08 17.63
C VAL B 147 -10.49 15.91 18.49
N ILE B 148 -9.85 14.95 17.81
CA ILE B 148 -9.18 13.82 18.42
C ILE B 148 -7.68 14.00 18.18
N THR B 149 -6.93 14.13 19.27
CA THR B 149 -5.48 14.33 19.18
C THR B 149 -4.74 13.02 19.41
N LEU B 150 -3.95 12.63 18.42
CA LEU B 150 -3.22 11.37 18.46
C LEU B 150 -1.72 11.62 18.50
N ASN B 151 -1.07 11.20 19.57
CA ASN B 151 0.38 11.40 19.71
C ASN B 151 1.13 10.07 19.73
N LYS B 152 1.96 9.88 18.71
CA LYS B 152 2.84 8.70 18.61
C LYS B 152 2.09 7.37 18.56
N SER B 153 0.93 7.36 17.89
CA SER B 153 0.19 6.12 17.73
C SER B 153 0.76 5.29 16.59
N SER B 154 0.39 4.02 16.53
CA SER B 154 0.87 3.15 15.46
C SER B 154 0.15 3.47 14.15
N LYS B 155 0.76 3.10 13.04
CA LYS B 155 0.16 3.32 11.73
C LYS B 155 -1.15 2.56 11.59
N THR B 156 -1.16 1.34 12.12
CA THR B 156 -2.35 0.48 12.12
C THR B 156 -3.51 1.17 12.82
N ASP B 157 -3.28 1.63 14.04
CA ASP B 157 -4.29 2.33 14.83
C ASP B 157 -4.84 3.55 14.09
N LEU B 158 -3.93 4.31 13.50
CA LEU B 158 -4.29 5.50 12.73
C LEU B 158 -5.26 5.16 11.60
N ASP B 159 -4.84 4.23 10.74
CA ASP B 159 -5.64 3.83 9.60
C ASP B 159 -7.01 3.27 10.01
N ASN B 160 -7.01 2.40 11.01
CA ASN B 160 -8.25 1.83 11.51
C ASN B 160 -9.21 2.89 12.05
N LEU B 161 -8.66 3.84 12.79
CA LEU B 161 -9.46 4.91 13.38
C LEU B 161 -10.09 5.78 12.31
N TRP B 162 -9.26 6.24 11.36
CA TRP B 162 -9.74 7.05 10.25
C TRP B 162 -10.85 6.33 9.48
N LEU B 163 -10.62 5.05 9.19
CA LEU B 163 -11.61 4.23 8.50
C LEU B 163 -12.93 4.17 9.29
N ASP B 164 -12.83 3.95 10.59
CA ASP B 164 -14.01 3.91 11.44
C ASP B 164 -14.79 5.21 11.36
N VAL B 165 -14.06 6.34 11.34
CA VAL B 165 -14.69 7.64 11.18
C VAL B 165 -15.47 7.68 9.85
N LEU B 166 -14.82 7.23 8.78
CA LEU B 166 -15.47 7.17 7.47
C LEU B 166 -16.78 6.37 7.51
N LEU B 167 -16.72 5.17 8.09
CA LEU B 167 -17.88 4.30 8.21
C LEU B 167 -19.00 4.92 9.05
N CYS B 168 -18.61 5.67 10.08
CA CYS B 168 -19.58 6.38 10.89
C CYS B 168 -20.26 7.46 10.07
N LEU B 169 -19.49 8.12 9.21
CA LEU B 169 -20.02 9.18 8.37
C LEU B 169 -21.02 8.66 7.33
N ILE B 170 -20.55 7.79 6.45
CA ILE B 170 -21.41 7.32 5.35
C ILE B 170 -22.56 6.44 5.81
N GLY B 171 -22.38 5.75 6.93
CA GLY B 171 -23.38 4.84 7.45
C GLY B 171 -24.44 5.54 8.29
N GLU B 172 -24.29 6.85 8.45
CA GLU B 172 -25.17 7.68 9.28
C GLU B 172 -25.33 7.10 10.69
N ALA B 173 -24.20 6.84 11.34
CA ALA B 173 -24.19 6.23 12.67
C ALA B 173 -24.78 7.17 13.73
N PHE B 174 -24.57 8.47 13.54
CA PHE B 174 -25.08 9.46 14.49
C PHE B 174 -26.57 9.66 14.27
N ASP B 175 -27.33 9.78 15.36
CA ASP B 175 -28.76 10.04 15.26
C ASP B 175 -29.01 11.41 14.67
N HIS B 176 -28.18 12.39 15.05
CA HIS B 176 -28.22 13.71 14.47
C HIS B 176 -27.31 13.78 13.25
N SER B 177 -27.54 12.86 12.31
CA SER B 177 -26.65 12.68 11.16
C SER B 177 -26.59 13.89 10.22
N ASP B 178 -27.70 14.61 10.11
CA ASP B 178 -27.77 15.77 9.21
C ASP B 178 -26.89 16.92 9.72
N GLN B 179 -26.50 16.84 10.99
CA GLN B 179 -25.76 17.92 11.63
C GLN B 179 -24.29 17.99 11.18
N ILE B 180 -23.68 16.85 10.96
CA ILE B 180 -22.27 16.81 10.55
C ILE B 180 -22.10 17.16 9.07
N CYS B 181 -21.00 17.83 8.76
CA CYS B 181 -20.69 18.21 7.37
C CYS B 181 -19.69 17.24 6.79
N GLY B 182 -18.73 16.84 7.62
CA GLY B 182 -17.70 15.91 7.20
C GLY B 182 -16.59 15.73 8.23
N ALA B 183 -15.52 15.10 7.80
CA ALA B 183 -14.38 14.80 8.68
C ALA B 183 -13.05 15.05 7.99
N VAL B 184 -12.08 15.52 8.76
CA VAL B 184 -10.75 15.81 8.24
C VAL B 184 -9.65 15.17 9.08
N ILE B 185 -8.74 14.46 8.42
CA ILE B 185 -7.55 13.96 9.09
C ILE B 185 -6.30 14.69 8.61
N ASN B 186 -5.53 15.18 9.57
CA ASN B 186 -4.29 15.92 9.34
C ASN B 186 -3.08 15.06 9.68
N ILE B 187 -2.15 14.91 8.76
CA ILE B 187 -0.92 14.20 9.10
C ILE B 187 0.23 15.15 9.32
N ARG B 188 0.58 15.38 10.58
CA ARG B 188 1.77 16.15 10.91
C ARG B 188 2.88 15.29 11.49
N GLY B 189 2.66 13.99 11.46
CA GLY B 189 3.64 12.98 11.82
C GLY B 189 4.02 12.89 13.28
N LYS B 190 4.59 13.97 13.82
CA LYS B 190 4.94 13.96 15.23
C LYS B 190 3.67 13.82 16.06
N SER B 191 2.66 14.59 15.67
CA SER B 191 1.33 14.50 16.26
C SER B 191 0.36 14.55 15.10
N ASN B 192 -0.74 13.84 15.21
CA ASN B 192 -1.72 13.80 14.14
C ASN B 192 -3.09 14.02 14.71
N LYS B 193 -4.00 14.54 13.91
CA LYS B 193 -5.31 14.91 14.41
C LYS B 193 -6.45 14.42 13.50
N ILE B 194 -7.58 14.09 14.12
CA ILE B 194 -8.77 13.68 13.37
C ILE B 194 -9.98 14.46 13.86
N SER B 195 -10.62 15.19 12.97
CA SER B 195 -11.71 16.07 13.36
C SER B 195 -13.05 15.71 12.71
N ILE B 196 -14.14 15.93 13.44
CA ILE B 196 -15.48 15.74 12.90
C ILE B 196 -16.23 17.06 12.90
N TRP B 197 -16.51 17.59 11.72
CA TRP B 197 -17.14 18.90 11.61
C TRP B 197 -18.67 18.82 11.64
N THR B 198 -19.29 19.81 12.28
CA THR B 198 -20.74 19.92 12.35
C THR B 198 -21.20 21.31 11.97
N ALA B 199 -22.45 21.43 11.53
CA ALA B 199 -23.00 22.71 11.08
C ALA B 199 -23.10 23.81 12.12
N ASP B 200 -23.56 23.49 13.33
CA ASP B 200 -23.78 24.51 14.35
C ASP B 200 -23.12 24.18 15.69
N GLY B 201 -22.33 25.11 16.22
CA GLY B 201 -21.72 24.98 17.53
C GLY B 201 -22.67 25.24 18.68
N ASN B 202 -23.75 25.98 18.41
CA ASN B 202 -24.73 26.28 19.45
C ASN B 202 -25.75 25.17 19.65
N ASN B 203 -25.75 24.19 18.74
CA ASN B 203 -26.64 23.04 18.88
C ASN B 203 -26.03 22.03 19.84
N GLU B 204 -26.25 22.25 21.13
CA GLU B 204 -25.62 21.46 22.18
C GLU B 204 -26.00 19.98 22.12
N GLU B 205 -27.29 19.72 21.96
CA GLU B 205 -27.78 18.35 21.92
C GLU B 205 -27.22 17.58 20.74
N ALA B 206 -27.18 18.21 19.58
CA ALA B 206 -26.66 17.54 18.40
C ALA B 206 -25.18 17.22 18.56
N ALA B 207 -24.42 18.20 19.06
CA ALA B 207 -23.00 18.02 19.20
C ALA B 207 -22.67 16.91 20.19
N LEU B 208 -23.39 16.89 21.29
CA LEU B 208 -23.22 15.86 22.30
C LEU B 208 -23.60 14.48 21.80
N GLU B 209 -24.67 14.39 21.03
CA GLU B 209 -25.09 13.11 20.49
C GLU B 209 -23.99 12.60 19.58
N ILE B 210 -23.41 13.50 18.81
CA ILE B 210 -22.32 13.14 17.90
C ILE B 210 -21.08 12.73 18.70
N GLY B 211 -20.71 13.55 19.69
CA GLY B 211 -19.56 13.28 20.53
C GLY B 211 -19.66 11.94 21.24
N HIS B 212 -20.81 11.68 21.84
CA HIS B 212 -21.06 10.42 22.54
C HIS B 212 -20.93 9.25 21.57
N LYS B 213 -21.50 9.43 20.39
CA LYS B 213 -21.43 8.41 19.35
C LYS B 213 -19.99 8.10 18.99
N LEU B 214 -19.16 9.15 18.88
CA LEU B 214 -17.74 8.96 18.60
C LEU B 214 -17.05 8.19 19.71
N ARG B 215 -17.22 8.67 20.94
CA ARG B 215 -16.62 8.05 22.11
C ARG B 215 -16.96 6.57 22.23
N ASP B 216 -18.20 6.22 21.91
CA ASP B 216 -18.64 4.83 22.00
C ASP B 216 -18.14 3.98 20.83
N ALA B 217 -18.26 4.52 19.61
CA ALA B 217 -17.97 3.76 18.40
C ALA B 217 -16.47 3.55 18.14
N LEU B 218 -15.64 4.49 18.58
CA LEU B 218 -14.22 4.41 18.27
C LEU B 218 -13.42 3.68 19.36
N ARG B 219 -14.02 3.53 20.52
CA ARG B 219 -13.39 2.83 21.65
C ARG B 219 -12.01 3.40 21.98
N LEU B 220 -11.88 4.72 21.90
CA LEU B 220 -10.64 5.40 22.24
C LEU B 220 -10.27 5.10 23.70
N GLY B 221 -8.97 4.94 23.95
CA GLY B 221 -8.50 4.76 25.31
C GLY B 221 -8.88 5.97 26.13
N ARG B 222 -9.08 5.76 27.43
CA ARG B 222 -9.48 6.84 28.33
C ARG B 222 -8.46 7.98 28.33
N ASN B 223 -7.24 7.64 27.95
CA ASN B 223 -6.14 8.60 27.87
C ASN B 223 -6.26 9.52 26.67
N ASN B 224 -6.79 9.01 25.57
CA ASN B 224 -7.00 9.81 24.37
C ASN B 224 -8.06 10.89 24.58
N SER B 225 -7.74 12.12 24.17
CA SER B 225 -8.59 13.27 24.44
C SER B 225 -9.53 13.61 23.28
N LEU B 226 -10.79 13.91 23.61
CA LEU B 226 -11.80 14.27 22.62
C LEU B 226 -12.46 15.58 22.99
N GLN B 227 -12.20 16.64 22.21
CA GLN B 227 -12.67 17.97 22.59
C GLN B 227 -13.36 18.71 21.44
N TYR B 228 -14.37 19.50 21.74
CA TYR B 228 -15.11 20.25 20.72
C TYR B 228 -14.69 21.71 20.66
N GLN B 229 -14.35 22.19 19.47
CA GLN B 229 -13.91 23.57 19.30
C GLN B 229 -14.74 24.30 18.26
N LEU B 230 -15.01 25.58 18.50
CA LEU B 230 -15.62 26.43 17.48
C LEU B 230 -14.56 26.74 16.43
N HIS B 231 -14.95 26.76 15.16
CA HIS B 231 -14.02 27.03 14.07
C HIS B 231 -13.43 28.44 14.17
N LYS B 232 -14.21 29.37 14.68
CA LYS B 232 -13.75 30.74 14.88
C LYS B 232 -12.67 30.79 15.97
N ASP B 233 -12.86 29.99 17.01
CA ASP B 233 -11.89 29.90 18.10
C ASP B 233 -10.60 29.24 17.64
N THR B 234 -10.74 28.19 16.83
CA THR B 234 -9.60 27.38 16.41
C THR B 234 -8.72 28.09 15.38
N MET B 235 -9.18 29.23 14.88
CA MET B 235 -8.44 29.98 13.86
C MET B 235 -7.12 30.51 14.41
N ASN B 241 -3.09 27.30 22.45
CA ASN B 241 -4.16 26.48 22.99
C ASN B 241 -5.53 27.09 22.69
N VAL B 242 -6.40 26.31 22.07
CA VAL B 242 -7.73 26.77 21.72
C VAL B 242 -8.77 26.26 22.71
N LYS B 243 -9.67 27.14 23.11
CA LYS B 243 -10.72 26.81 24.08
C LYS B 243 -11.67 25.75 23.53
N SER B 244 -12.00 24.76 24.37
CA SER B 244 -12.93 23.72 23.98
C SER B 244 -14.29 23.95 24.62
N ILE B 245 -15.32 24.09 23.78
CA ILE B 245 -16.67 24.33 24.27
C ILE B 245 -17.21 23.09 24.98
N TYR B 246 -16.82 21.92 24.50
CA TYR B 246 -17.23 20.65 25.10
C TYR B 246 -16.03 19.75 25.32
N THR B 247 -16.27 18.57 25.91
CA THR B 247 -15.23 17.59 26.15
C THR B 247 -15.85 16.25 26.51
N LEU B 248 -15.41 15.18 25.85
CA LEU B 248 -15.93 13.85 26.14
C LEU B 248 -14.85 12.77 26.04
N VAL C 23 26.96 -20.74 10.61
CA VAL C 23 26.64 -20.51 12.02
C VAL C 23 25.22 -20.96 12.35
N VAL C 24 25.06 -21.66 13.46
CA VAL C 24 23.77 -22.19 13.87
C VAL C 24 22.81 -21.09 14.33
N SER C 25 21.64 -21.03 13.70
CA SER C 25 20.60 -20.08 14.07
C SER C 25 19.22 -20.70 13.91
N SER C 26 18.19 -19.92 14.21
CA SER C 26 16.82 -20.42 14.14
C SER C 26 16.33 -20.63 12.72
N LYS C 27 17.02 -20.03 11.75
CA LYS C 27 16.69 -20.22 10.35
C LYS C 27 17.78 -20.99 9.62
N PRO C 28 17.67 -22.32 9.57
CA PRO C 28 18.64 -23.14 8.84
C PRO C 28 18.45 -23.00 7.33
N VAL C 29 19.51 -23.21 6.57
CA VAL C 29 19.45 -22.98 5.13
C VAL C 29 18.69 -24.07 4.38
N LYS C 30 17.72 -23.65 3.58
CA LYS C 30 17.00 -24.53 2.67
C LYS C 30 17.20 -24.02 1.25
N SER C 31 18.08 -24.68 0.51
CA SER C 31 18.37 -24.27 -0.86
C SER C 31 17.72 -25.18 -1.89
N TYR C 32 17.43 -24.63 -3.05
CA TYR C 32 16.95 -25.38 -4.19
C TYR C 32 17.58 -24.82 -5.45
N THR C 33 18.23 -25.68 -6.24
CA THR C 33 18.76 -25.26 -7.52
C THR C 33 17.61 -25.03 -8.49
N ARG C 34 17.89 -24.27 -9.54
CA ARG C 34 16.93 -24.04 -10.61
C ARG C 34 16.43 -25.37 -11.17
N SER C 35 17.37 -26.28 -11.40
CA SER C 35 17.07 -27.60 -11.93
C SER C 35 16.12 -28.38 -11.03
N ARG C 36 16.42 -28.37 -9.73
CA ARG C 36 15.58 -29.04 -8.75
C ARG C 36 14.16 -28.49 -8.76
N LEU C 37 14.05 -27.17 -8.72
CA LEU C 37 12.76 -26.48 -8.75
C LEU C 37 11.95 -26.86 -9.99
N MET C 38 12.62 -26.88 -11.14
CA MET C 38 11.96 -27.29 -12.38
C MET C 38 11.48 -28.73 -12.32
N ASP C 39 12.31 -29.60 -11.76
CA ASP C 39 11.93 -31.00 -11.53
C ASP C 39 10.65 -31.09 -10.72
N ILE C 40 10.61 -30.35 -9.62
CA ILE C 40 9.43 -30.32 -8.75
C ILE C 40 8.21 -29.82 -9.51
N ARG C 41 8.41 -28.82 -10.36
CA ARG C 41 7.31 -28.33 -11.19
C ARG C 41 6.78 -29.45 -12.08
N ASN C 42 7.68 -30.22 -12.68
CA ASN C 42 7.27 -31.31 -13.58
C ASN C 42 6.44 -32.40 -12.92
N GLY C 43 6.79 -32.76 -11.68
CA GLY C 43 6.03 -33.77 -10.95
C GLY C 43 4.81 -33.20 -10.27
N MET C 44 3.97 -32.53 -11.04
CA MET C 44 2.76 -31.91 -10.51
C MET C 44 1.59 -32.06 -11.48
N ILE C 67 -8.32 -21.33 -4.47
CA ILE C 67 -8.94 -20.52 -3.42
C ILE C 67 -9.85 -19.45 -4.02
N GLU C 68 -10.05 -18.37 -3.28
CA GLU C 68 -10.79 -17.21 -3.79
C GLU C 68 -9.83 -16.28 -4.53
N LEU C 69 -8.62 -16.77 -4.77
CA LEU C 69 -7.58 -16.00 -5.42
C LEU C 69 -7.86 -15.81 -6.91
N GLU C 70 -8.56 -16.77 -7.50
CA GLU C 70 -8.94 -16.71 -8.91
C GLU C 70 -9.73 -15.43 -9.20
N GLY C 71 -10.62 -15.06 -8.28
CA GLY C 71 -11.43 -13.87 -8.43
C GLY C 71 -10.60 -12.59 -8.53
N ARG C 72 -9.65 -12.43 -7.63
CA ARG C 72 -8.81 -11.23 -7.62
C ARG C 72 -7.79 -11.25 -8.76
N LEU C 73 -7.37 -12.44 -9.19
CA LEU C 73 -6.51 -12.55 -10.36
C LEU C 73 -7.27 -12.12 -11.61
N ARG C 74 -8.53 -12.48 -11.68
CA ARG C 74 -9.38 -12.13 -12.82
C ARG C 74 -9.73 -10.65 -12.82
N ARG C 75 -9.95 -10.10 -11.63
CA ARG C 75 -10.31 -8.69 -11.48
C ARG C 75 -9.19 -7.78 -11.97
N MET C 76 -7.95 -8.22 -11.77
CA MET C 76 -6.79 -7.47 -12.20
C MET C 76 -6.39 -7.78 -13.64
N ASN C 77 -7.17 -8.65 -14.27
CA ASN C 77 -6.90 -9.14 -15.63
C ASN C 77 -5.51 -9.76 -15.73
N ILE C 78 -5.11 -10.44 -14.65
CA ILE C 78 -3.82 -11.10 -14.57
C ILE C 78 -4.01 -12.61 -14.75
N TRP C 79 -5.21 -13.09 -14.44
CA TRP C 79 -5.52 -14.51 -14.52
C TRP C 79 -5.21 -15.10 -15.90
N ARG C 80 -4.72 -16.34 -15.89
CA ARG C 80 -4.31 -17.02 -17.09
C ARG C 80 -4.41 -18.52 -16.81
N THR C 81 -4.76 -19.31 -17.82
CA THR C 81 -4.81 -20.76 -17.66
C THR C 81 -3.98 -21.46 -18.73
N LYS D 30 -30.79 5.54 3.98
CA LYS D 30 -30.87 4.45 4.96
C LYS D 30 -29.68 4.50 5.91
N SER D 31 -29.65 3.56 6.86
CA SER D 31 -28.57 3.48 7.83
C SER D 31 -27.89 2.12 7.80
N TYR D 32 -26.55 2.13 7.86
CA TYR D 32 -25.78 0.89 7.80
C TYR D 32 -24.84 0.76 9.00
N THR D 33 -24.82 -0.44 9.58
CA THR D 33 -23.91 -0.72 10.68
C THR D 33 -22.53 -1.05 10.13
N ARG D 34 -21.49 -0.90 10.96
CA ARG D 34 -20.12 -1.16 10.54
C ARG D 34 -19.94 -2.59 10.04
N SER D 35 -20.61 -3.52 10.71
CA SER D 35 -20.56 -4.93 10.33
C SER D 35 -21.05 -5.14 8.89
N ARG D 36 -22.23 -4.60 8.60
CA ARG D 36 -22.81 -4.70 7.26
C ARG D 36 -21.95 -3.98 6.24
N LEU D 37 -21.45 -2.80 6.63
CA LEU D 37 -20.56 -2.00 5.78
C LEU D 37 -19.31 -2.79 5.39
N MET D 38 -18.83 -3.63 6.30
CA MET D 38 -17.68 -4.48 6.01
C MET D 38 -18.09 -5.69 5.16
N ASP D 39 -19.26 -6.25 5.45
CA ASP D 39 -19.78 -7.41 4.74
C ASP D 39 -19.98 -7.11 3.26
N ILE D 40 -20.40 -5.88 2.95
CA ILE D 40 -20.55 -5.47 1.55
C ILE D 40 -19.19 -5.50 0.85
N ARG D 41 -18.15 -5.06 1.55
CA ARG D 41 -16.79 -5.14 1.04
C ARG D 41 -16.38 -6.59 0.81
N ASN D 42 -16.80 -7.47 1.72
CA ASN D 42 -16.52 -8.89 1.60
C ASN D 42 -17.17 -9.51 0.37
N GLY D 43 -18.41 -9.10 0.10
CA GLY D 43 -19.16 -9.63 -1.04
C GLY D 43 -18.59 -9.23 -2.39
N MET D 44 -17.94 -8.07 -2.43
CA MET D 44 -17.35 -7.56 -3.66
C MET D 44 -16.10 -8.36 -4.04
#